data_8HEA
#
_entry.id   8HEA
#
_cell.length_a   50.362
_cell.length_b   67.789
_cell.length_c   89.617
_cell.angle_alpha   90.000
_cell.angle_beta   90.000
_cell.angle_gamma   90.000
#
_symmetry.space_group_name_H-M   'P 21 21 21'
#
loop_
_entity.id
_entity.type
_entity.pdbx_description
1 polymer 'Thermostable carboxylesterase Est30'
2 water water
#
_entity_poly.entity_id   1
_entity_poly.type   'polypeptide(L)'
_entity_poly.pdbx_seq_one_letter_code
;MKITLPKPFFFEGGNRAVLLLHGFTGSSADVRMLGRYLQKHGYTSLAPQYKGHAAPPEELTKTGPADWWQDVLDGYEELK
AKGYDEIAVCGLSLGGVMSLRLSMHRPVKAVIPMCAPAYIKSEDVMYAGVTEYAREFKKREGKSVDEIEQEMAVFEPMPT
LKDLQALLKETRDSLEDVYAPTLVVQARNDHMINTDSANIIHDGVSALQKELIWYENSGHVITLDKEKETLHQDIHEFLD
GLNWSH
;
_entity_poly.pdbx_strand_id   A
#
# COMPACT_ATOMS: atom_id res chain seq x y z
N ILE A 3 -3.00 -23.89 1.52
CA ILE A 3 -2.96 -22.50 0.88
C ILE A 3 -1.52 -21.97 0.93
N THR A 4 -0.96 -21.52 -0.18
CA THR A 4 0.43 -21.01 -0.23
C THR A 4 0.46 -19.52 0.09
N LEU A 5 1.03 -19.13 1.21
CA LEU A 5 0.96 -17.71 1.62
C LEU A 5 2.10 -16.90 0.99
N PRO A 6 1.87 -15.66 0.50
CA PRO A 6 2.94 -14.77 0.06
C PRO A 6 3.91 -14.43 1.17
N LYS A 7 5.14 -14.32 0.80
CA LYS A 7 6.10 -13.91 1.83
C LYS A 7 6.58 -12.56 1.40
N PRO A 8 7.36 -11.63 2.24
CA PRO A 8 8.06 -10.42 1.84
C PRO A 8 9.10 -10.73 0.77
N PHE A 9 9.51 -9.73 0.01
CA PHE A 9 10.54 -9.89 -1.04
C PHE A 9 11.54 -8.77 -0.93
N PHE A 10 12.73 -9.06 -1.46
CA PHE A 10 13.81 -8.08 -1.67
C PHE A 10 14.38 -8.41 -3.05
N PHE A 11 14.29 -7.48 -3.96
CA PHE A 11 14.76 -7.67 -5.35
C PHE A 11 15.93 -6.73 -5.57
N GLU A 12 17.15 -7.27 -5.77
CA GLU A 12 18.36 -6.47 -6.06
C GLU A 12 18.32 -5.93 -7.49
N GLY A 13 18.56 -4.62 -7.61
CA GLY A 13 18.88 -3.93 -8.85
C GLY A 13 20.09 -3.05 -8.55
N GLY A 14 20.01 -1.79 -8.91
CA GLY A 14 21.09 -0.82 -8.70
C GLY A 14 21.05 -0.17 -7.33
N ASN A 15 21.74 0.97 -7.24
CA ASN A 15 21.95 1.74 -5.99
C ASN A 15 20.63 2.40 -5.59
N ARG A 16 19.75 2.69 -6.56
CA ARG A 16 18.45 3.41 -6.33
C ARG A 16 17.42 2.42 -5.77
N ALA A 17 16.78 2.72 -4.63
CA ALA A 17 15.88 1.76 -3.93
C ALA A 17 14.46 2.32 -3.84
N VAL A 18 13.50 1.40 -3.93
CA VAL A 18 12.05 1.71 -3.72
C VAL A 18 11.50 0.74 -2.67
N LEU A 19 10.89 1.27 -1.63
CA LEU A 19 10.16 0.52 -0.59
C LEU A 19 8.71 0.43 -1.11
N LEU A 20 8.22 -0.79 -1.28
CA LEU A 20 6.89 -1.08 -1.86
C LEU A 20 5.96 -1.56 -0.76
N LEU A 21 4.86 -0.85 -0.53
CA LEU A 21 3.94 -1.12 0.59
C LEU A 21 2.57 -1.59 0.09
N HIS A 22 2.16 -2.74 0.58
CA HIS A 22 0.83 -3.29 0.16
C HIS A 22 -0.34 -2.66 0.94
N GLY A 23 -1.53 -3.14 0.57
CA GLY A 23 -2.81 -2.63 1.07
C GLY A 23 -3.33 -3.41 2.27
N PHE A 24 -4.34 -2.89 2.93
CA PHE A 24 -5.04 -3.60 4.03
C PHE A 24 -5.73 -4.87 3.52
N THR A 25 -5.49 -6.04 4.14
CA THR A 25 -5.87 -7.42 3.70
C THR A 25 -5.04 -7.88 2.49
N GLY A 26 -4.17 -7.05 1.93
CA GLY A 26 -3.25 -7.43 0.84
C GLY A 26 -2.01 -8.14 1.33
N SER A 27 -1.00 -8.20 0.45
CA SER A 27 0.22 -8.96 0.68
C SER A 27 1.28 -8.37 -0.25
N SER A 28 2.48 -8.92 -0.18
CA SER A 28 3.52 -8.56 -1.18
C SER A 28 3.06 -8.87 -2.60
N ALA A 29 2.09 -9.78 -2.82
CA ALA A 29 1.58 -10.12 -4.17
C ALA A 29 1.06 -8.88 -4.89
N ASP A 30 0.58 -7.90 -4.13
CA ASP A 30 -0.05 -6.68 -4.68
C ASP A 30 1.02 -5.82 -5.37
N VAL A 31 2.29 -5.98 -5.01
CA VAL A 31 3.35 -5.09 -5.59
C VAL A 31 4.48 -5.92 -6.23
N ARG A 32 4.34 -7.25 -6.33
CA ARG A 32 5.44 -8.14 -6.82
C ARG A 32 5.71 -7.82 -8.31
N MET A 33 4.68 -7.70 -9.16
CA MET A 33 5.01 -7.40 -10.60
C MET A 33 5.67 -6.04 -10.78
N LEU A 34 5.27 -5.03 -10.00
CA LEU A 34 5.92 -3.69 -9.99
C LEU A 34 7.37 -3.85 -9.54
N GLY A 35 7.60 -4.63 -8.51
CA GLY A 35 8.96 -4.90 -8.04
C GLY A 35 9.79 -5.51 -9.16
N ARG A 36 9.22 -6.51 -9.85
CA ARG A 36 9.98 -7.20 -10.95
C ARG A 36 10.27 -6.20 -12.06
N TYR A 37 9.31 -5.37 -12.40
CA TYR A 37 9.46 -4.35 -13.45
C TYR A 37 10.62 -3.45 -13.02
N LEU A 38 10.59 -2.97 -11.78
CA LEU A 38 11.62 -2.04 -11.29
C LEU A 38 12.99 -2.72 -11.34
N GLN A 39 13.04 -3.99 -10.98
CA GLN A 39 14.31 -4.73 -10.93
C GLN A 39 14.93 -4.74 -12.33
N LYS A 40 14.11 -4.95 -13.33
CA LYS A 40 14.55 -5.05 -14.74
C LYS A 40 15.00 -3.68 -15.24
N HIS A 41 14.57 -2.62 -14.58
CA HIS A 41 14.91 -1.26 -15.03
C HIS A 41 15.87 -0.54 -14.10
N GLY A 42 16.66 -1.26 -13.32
CA GLY A 42 17.68 -0.53 -12.55
C GLY A 42 17.38 -0.30 -11.08
N TYR A 43 16.13 -0.36 -10.68
CA TYR A 43 15.78 -0.12 -9.25
C TYR A 43 15.74 -1.34 -8.32
N THR A 44 16.34 -1.19 -7.15
CA THR A 44 16.25 -2.21 -6.09
C THR A 44 14.90 -2.00 -5.38
N SER A 45 14.21 -3.05 -4.96
CA SER A 45 12.95 -2.90 -4.19
C SER A 45 12.97 -3.76 -2.96
N LEU A 46 12.20 -3.39 -1.95
CA LEU A 46 11.94 -4.25 -0.81
C LEU A 46 10.48 -4.05 -0.44
N ALA A 47 9.75 -5.16 -0.37
CA ALA A 47 8.35 -5.23 0.02
C ALA A 47 8.21 -5.94 1.35
N PRO A 48 7.93 -5.22 2.47
CA PRO A 48 7.65 -5.89 3.73
C PRO A 48 6.22 -6.43 3.72
N GLN A 49 5.86 -7.18 4.74
CA GLN A 49 4.41 -7.53 4.89
C GLN A 49 3.95 -7.13 6.30
N TYR A 50 2.71 -6.69 6.42
CA TYR A 50 2.16 -6.22 7.70
C TYR A 50 1.78 -7.41 8.56
N LYS A 51 1.96 -7.24 9.86
CA LYS A 51 1.54 -8.24 10.87
C LYS A 51 0.09 -8.63 10.61
N GLY A 52 -0.22 -9.93 10.71
CA GLY A 52 -1.61 -10.43 10.56
C GLY A 52 -2.03 -10.63 9.12
N HIS A 53 -1.22 -10.21 8.17
CA HIS A 53 -1.50 -10.35 6.71
C HIS A 53 -0.79 -11.63 6.20
N ALA A 54 -1.20 -12.15 5.05
CA ALA A 54 -0.62 -13.38 4.48
C ALA A 54 -0.66 -14.47 5.55
N ALA A 55 -1.83 -14.66 6.18
CA ALA A 55 -2.05 -15.49 7.39
C ALA A 55 -3.55 -15.73 7.44
N PRO A 56 -4.01 -16.73 8.22
CA PRO A 56 -5.46 -16.85 8.44
C PRO A 56 -6.09 -15.54 8.90
N PRO A 57 -7.31 -15.23 8.42
CA PRO A 57 -7.94 -13.95 8.73
C PRO A 57 -8.19 -13.67 10.22
N GLU A 58 -8.36 -14.73 11.02
CA GLU A 58 -8.50 -14.60 12.49
C GLU A 58 -7.25 -13.96 13.07
N GLU A 59 -6.06 -14.12 12.44
CA GLU A 59 -4.83 -13.47 12.94
C GLU A 59 -4.91 -11.97 12.62
N LEU A 60 -5.49 -11.61 11.49
CA LEU A 60 -5.56 -10.20 11.07
C LEU A 60 -6.33 -9.39 12.10
N THR A 61 -7.40 -9.95 12.69
CA THR A 61 -8.29 -9.12 13.54
C THR A 61 -7.61 -8.82 14.88
N LYS A 62 -6.48 -9.48 15.20
CA LYS A 62 -5.69 -9.26 16.45
C LYS A 62 -4.60 -8.22 16.23
N THR A 63 -4.53 -7.60 15.05
CA THR A 63 -3.47 -6.61 14.75
C THR A 63 -4.13 -5.26 14.45
N GLY A 64 -3.31 -4.22 14.31
CA GLY A 64 -3.81 -2.87 14.07
C GLY A 64 -2.70 -2.01 13.48
N PRO A 65 -3.01 -0.77 13.10
CA PRO A 65 -2.07 0.09 12.40
C PRO A 65 -0.79 0.35 13.19
N ALA A 66 -0.75 0.19 14.52
CA ALA A 66 0.50 0.40 15.31
C ALA A 66 1.50 -0.69 14.87
N ASP A 67 1.01 -1.90 14.62
CA ASP A 67 1.81 -3.06 14.18
C ASP A 67 2.25 -2.79 12.73
N TRP A 68 1.29 -2.43 11.87
CA TRP A 68 1.59 -2.30 10.43
C TRP A 68 2.59 -1.18 10.20
N TRP A 69 2.40 -0.06 10.89
CA TRP A 69 3.32 1.09 10.81
C TRP A 69 4.75 0.63 11.19
N GLN A 70 4.89 -0.15 12.26
CA GLN A 70 6.24 -0.65 12.67
C GLN A 70 6.80 -1.52 11.54
N ASP A 71 5.95 -2.26 10.80
CA ASP A 71 6.44 -3.13 9.70
C ASP A 71 7.00 -2.26 8.59
N VAL A 72 6.35 -1.12 8.32
CA VAL A 72 6.82 -0.15 7.30
C VAL A 72 8.20 0.36 7.73
N LEU A 73 8.32 0.85 8.96
CA LEU A 73 9.59 1.41 9.45
C LEU A 73 10.67 0.33 9.38
N ASP A 74 10.33 -0.90 9.75
CA ASP A 74 11.26 -2.06 9.74
C ASP A 74 11.74 -2.29 8.32
N GLY A 75 10.87 -2.18 7.30
CA GLY A 75 11.27 -2.37 5.91
C GLY A 75 12.19 -1.24 5.43
N TYR A 76 11.86 0.02 5.75
CA TYR A 76 12.71 1.20 5.47
C TYR A 76 14.10 0.94 6.06
N GLU A 77 14.14 0.56 7.33
CA GLU A 77 15.42 0.36 8.09
C GLU A 77 16.22 -0.79 7.47
N GLU A 78 15.55 -1.85 7.04
CA GLU A 78 16.22 -3.00 6.37
C GLU A 78 16.95 -2.51 5.11
N LEU A 79 16.30 -1.65 4.30
CA LEU A 79 16.94 -1.02 3.12
C LEU A 79 18.17 -0.24 3.57
N LYS A 80 18.04 0.60 4.58
CA LYS A 80 19.21 1.41 4.97
C LYS A 80 20.29 0.49 5.54
N ALA A 81 19.94 -0.55 6.29
CA ALA A 81 20.90 -1.54 6.83
C ALA A 81 21.66 -2.25 5.70
N LYS A 82 21.03 -2.46 4.54
CA LYS A 82 21.71 -3.07 3.38
C LYS A 82 22.60 -2.05 2.65
N GLY A 83 22.55 -0.79 3.04
CA GLY A 83 23.40 0.23 2.42
C GLY A 83 22.69 1.13 1.41
N TYR A 84 21.37 1.05 1.30
CA TYR A 84 20.64 1.94 0.37
C TYR A 84 20.24 3.20 1.13
N ASP A 85 20.89 4.30 0.86
CA ASP A 85 20.60 5.54 1.63
C ASP A 85 19.62 6.41 0.88
N GLU A 86 19.32 6.11 -0.38
CA GLU A 86 18.32 6.90 -1.13
C GLU A 86 17.14 5.99 -1.42
N ILE A 87 16.00 6.30 -0.81
CA ILE A 87 14.82 5.41 -0.87
C ILE A 87 13.55 6.17 -1.22
N ALA A 88 12.97 5.85 -2.37
CA ALA A 88 11.61 6.29 -2.74
C ALA A 88 10.60 5.30 -2.13
N VAL A 89 9.39 5.76 -1.90
CA VAL A 89 8.39 4.87 -1.23
C VAL A 89 7.12 4.93 -2.07
N CYS A 90 6.59 3.75 -2.39
CA CYS A 90 5.41 3.57 -3.29
C CYS A 90 4.47 2.54 -2.63
N GLY A 91 3.19 2.81 -2.58
CA GLY A 91 2.25 1.90 -1.89
C GLY A 91 0.87 1.92 -2.47
N LEU A 92 0.16 0.80 -2.30
CA LEU A 92 -1.20 0.57 -2.81
C LEU A 92 -2.21 0.69 -1.67
N SER A 93 -3.22 1.53 -1.84
CA SER A 93 -4.34 1.71 -0.90
C SER A 93 -3.75 2.09 0.48
N LEU A 94 -4.01 1.35 1.55
CA LEU A 94 -3.42 1.68 2.89
C LEU A 94 -1.91 1.86 2.74
N GLY A 95 -1.28 1.12 1.86
CA GLY A 95 0.16 1.28 1.59
C GLY A 95 0.51 2.68 1.08
N GLY A 96 -0.37 3.33 0.30
CA GLY A 96 -0.19 4.72 -0.14
C GLY A 96 -0.27 5.71 1.02
N VAL A 97 -1.11 5.41 1.99
CA VAL A 97 -1.24 6.24 3.22
C VAL A 97 0.04 6.06 4.03
N MET A 98 0.48 4.83 4.16
CA MET A 98 1.72 4.56 4.93
C MET A 98 2.90 5.22 4.20
N SER A 99 2.85 5.35 2.87
CA SER A 99 3.96 5.98 2.09
C SER A 99 3.99 7.49 2.41
N LEU A 100 2.83 8.12 2.44
CA LEU A 100 2.75 9.55 2.78
C LEU A 100 3.21 9.72 4.22
N ARG A 101 2.74 8.89 5.15
CA ARG A 101 3.15 9.01 6.58
C ARG A 101 4.66 8.84 6.64
N LEU A 102 5.21 7.82 5.97
CA LEU A 102 6.67 7.60 6.01
C LEU A 102 7.43 8.86 5.55
N SER A 103 6.92 9.61 4.55
CA SER A 103 7.67 10.77 4.01
C SER A 103 7.72 11.87 5.07
N MET A 104 6.83 11.84 6.06
CA MET A 104 6.74 12.86 7.13
C MET A 104 7.72 12.51 8.27
N HIS A 105 8.12 11.25 8.33
CA HIS A 105 8.90 10.71 9.46
C HIS A 105 10.35 10.37 9.09
N ARG A 106 10.62 10.09 7.83
CA ARG A 106 11.98 9.72 7.41
C ARG A 106 12.29 10.37 6.07
N PRO A 107 13.57 10.60 5.74
CA PRO A 107 13.89 11.16 4.46
C PRO A 107 13.59 10.12 3.36
N VAL A 108 12.85 10.53 2.35
CA VAL A 108 12.53 9.65 1.20
C VAL A 108 12.74 10.48 -0.05
N LYS A 109 13.13 9.83 -1.14
CA LYS A 109 13.42 10.57 -2.38
C LYS A 109 12.13 10.99 -3.07
N ALA A 110 11.05 10.24 -2.86
CA ALA A 110 9.74 10.52 -3.51
C ALA A 110 8.67 9.67 -2.85
N VAL A 111 7.42 10.02 -3.10
CA VAL A 111 6.29 9.25 -2.52
C VAL A 111 5.29 9.01 -3.65
N ILE A 112 4.88 7.76 -3.78
CA ILE A 112 3.96 7.34 -4.86
C ILE A 112 2.78 6.61 -4.24
N PRO A 113 1.79 7.34 -3.74
CA PRO A 113 0.57 6.69 -3.25
C PRO A 113 -0.30 6.30 -4.44
N MET A 114 -0.71 5.05 -4.45
CA MET A 114 -1.58 4.45 -5.52
C MET A 114 -2.93 4.09 -4.92
N CYS A 115 -4.00 4.83 -5.28
CA CYS A 115 -5.38 4.52 -4.79
C CYS A 115 -5.41 4.56 -3.26
N ALA A 116 -4.76 5.56 -2.69
CA ALA A 116 -4.69 5.77 -1.24
C ALA A 116 -5.98 6.45 -0.78
N PRO A 117 -6.65 5.89 0.24
CA PRO A 117 -7.80 6.52 0.87
C PRO A 117 -7.47 7.74 1.75
N ALA A 118 -8.22 8.81 1.52
CA ALA A 118 -8.13 10.08 2.28
C ALA A 118 -9.47 10.53 2.82
N TYR A 119 -10.49 9.68 2.75
CA TYR A 119 -11.81 9.84 3.39
C TYR A 119 -11.94 8.69 4.37
N ILE A 120 -12.86 8.81 5.32
CA ILE A 120 -13.00 7.83 6.43
C ILE A 120 -14.34 7.08 6.26
N LYS A 121 -14.30 5.79 6.03
CA LYS A 121 -15.50 4.94 5.88
C LYS A 121 -15.95 4.51 7.27
N SER A 122 -17.22 4.22 7.45
CA SER A 122 -17.82 3.69 8.70
C SER A 122 -17.03 2.46 9.12
N GLU A 123 -16.85 2.21 10.41
CA GLU A 123 -16.18 0.99 10.90
C GLU A 123 -16.86 -0.27 10.34
N ASP A 124 -18.19 -0.30 10.22
CA ASP A 124 -18.90 -1.55 9.83
C ASP A 124 -18.60 -1.81 8.36
N VAL A 125 -18.43 -0.75 7.54
CA VAL A 125 -18.11 -0.94 6.10
C VAL A 125 -16.68 -1.48 5.97
N MET A 126 -15.74 -0.97 6.78
CA MET A 126 -14.36 -1.51 6.79
C MET A 126 -14.39 -3.00 7.19
N TYR A 127 -15.11 -3.29 8.25
CA TYR A 127 -15.17 -4.67 8.81
C TYR A 127 -15.83 -5.61 7.82
N ALA A 128 -16.81 -5.12 7.07
CA ALA A 128 -17.46 -5.93 6.01
C ALA A 128 -16.41 -6.32 4.97
N GLY A 129 -15.48 -5.42 4.66
CA GLY A 129 -14.33 -5.76 3.79
C GLY A 129 -13.48 -6.85 4.38
N VAL A 130 -13.31 -6.89 5.71
CA VAL A 130 -12.52 -7.94 6.38
C VAL A 130 -13.26 -9.28 6.32
N THR A 131 -14.58 -9.25 6.47
CA THR A 131 -15.31 -10.54 6.38
C THR A 131 -15.33 -11.06 4.94
N GLU A 132 -15.41 -10.16 3.96
CA GLU A 132 -15.38 -10.64 2.55
C GLU A 132 -14.03 -11.33 2.33
N TYR A 133 -13.00 -10.65 2.78
CA TYR A 133 -11.62 -11.17 2.72
C TYR A 133 -11.51 -12.54 3.38
N ALA A 134 -12.04 -12.70 4.59
CA ALA A 134 -11.99 -13.98 5.32
C ALA A 134 -12.71 -15.10 4.56
N ARG A 135 -13.86 -14.79 3.99
CA ARG A 135 -14.66 -15.80 3.25
C ARG A 135 -13.87 -16.25 2.03
N GLU A 136 -13.26 -15.28 1.34
CA GLU A 136 -12.57 -15.63 0.07
C GLU A 136 -11.31 -16.43 0.43
N PHE A 137 -10.63 -16.15 1.53
CA PHE A 137 -9.49 -16.95 2.05
C PHE A 137 -9.95 -18.38 2.31
N LYS A 138 -11.06 -18.52 3.04
CA LYS A 138 -11.52 -19.85 3.45
C LYS A 138 -12.00 -20.60 2.19
N LYS A 139 -12.56 -19.89 1.22
CA LYS A 139 -12.97 -20.58 -0.03
C LYS A 139 -11.70 -21.04 -0.76
N ARG A 140 -10.60 -20.30 -0.68
CA ARG A 140 -9.36 -20.73 -1.37
C ARG A 140 -8.74 -21.90 -0.63
N GLU A 141 -9.09 -22.07 0.63
CA GLU A 141 -8.70 -23.25 1.44
C GLU A 141 -9.51 -24.50 1.06
N GLY A 142 -10.47 -24.40 0.14
CA GLY A 142 -11.36 -25.52 -0.29
C GLY A 142 -12.36 -25.90 0.78
N LYS A 143 -12.72 -24.97 1.68
CA LYS A 143 -13.68 -25.28 2.77
C LYS A 143 -15.08 -25.25 2.17
N SER A 144 -15.96 -26.10 2.71
CA SER A 144 -17.37 -26.24 2.26
C SER A 144 -18.14 -24.99 2.67
N VAL A 145 -19.36 -24.83 2.17
CA VAL A 145 -20.08 -23.57 2.54
C VAL A 145 -20.45 -23.70 4.02
N ASP A 146 -20.77 -24.88 4.57
CA ASP A 146 -21.03 -25.06 6.03
C ASP A 146 -19.77 -24.78 6.86
N GLU A 147 -18.61 -25.30 6.44
CA GLU A 147 -17.34 -25.06 7.15
C GLU A 147 -17.13 -23.55 7.23
N ILE A 148 -17.31 -22.85 6.09
CA ILE A 148 -17.06 -21.39 6.04
C ILE A 148 -18.05 -20.69 6.98
N GLU A 149 -19.32 -21.07 6.93
CA GLU A 149 -20.36 -20.38 7.75
C GLU A 149 -20.08 -20.64 9.24
N GLN A 150 -19.66 -21.84 9.60
CA GLN A 150 -19.34 -22.16 11.01
C GLN A 150 -18.21 -21.25 11.49
N GLU A 151 -17.14 -21.14 10.72
CA GLU A 151 -15.98 -20.30 11.09
C GLU A 151 -16.38 -18.83 11.12
N MET A 152 -17.25 -18.36 10.25
CA MET A 152 -17.57 -16.91 10.15
C MET A 152 -18.49 -16.55 11.32
N ALA A 153 -19.24 -17.52 11.84
CA ALA A 153 -20.23 -17.24 12.90
C ALA A 153 -19.51 -16.95 14.22
N VAL A 154 -18.25 -17.42 14.38
CA VAL A 154 -17.43 -17.16 15.59
C VAL A 154 -16.31 -16.17 15.28
N PHE A 155 -16.32 -15.55 14.09
CA PHE A 155 -15.26 -14.58 13.70
C PHE A 155 -15.36 -13.37 14.63
N GLU A 156 -14.23 -12.88 15.14
CA GLU A 156 -14.22 -11.84 16.18
C GLU A 156 -14.25 -10.47 15.52
N PRO A 157 -14.77 -9.49 16.27
CA PRO A 157 -14.63 -8.10 15.88
C PRO A 157 -13.18 -7.66 15.78
N MET A 158 -12.99 -6.50 15.17
CA MET A 158 -11.64 -5.94 14.98
C MET A 158 -11.66 -4.52 15.50
N PRO A 159 -11.53 -4.32 16.82
CA PRO A 159 -11.66 -2.98 17.39
C PRO A 159 -10.56 -1.99 16.93
N THR A 160 -9.46 -2.47 16.37
CA THR A 160 -8.39 -1.60 15.82
C THR A 160 -8.81 -0.93 14.50
N LEU A 161 -9.96 -1.29 13.90
CA LEU A 161 -10.41 -0.50 12.72
C LEU A 161 -10.66 0.95 13.15
N LYS A 162 -10.97 1.18 14.42
CA LYS A 162 -11.16 2.61 14.80
C LYS A 162 -9.78 3.30 14.76
N ASP A 163 -8.72 2.60 15.12
CA ASP A 163 -7.35 3.16 14.98
C ASP A 163 -7.03 3.36 13.50
N LEU A 164 -7.49 2.47 12.64
CA LEU A 164 -7.21 2.63 11.18
C LEU A 164 -7.96 3.89 10.71
N GLN A 165 -9.20 4.13 11.15
CA GLN A 165 -9.91 5.42 10.85
C GLN A 165 -9.03 6.60 11.30
N ALA A 166 -8.50 6.55 12.50
CA ALA A 166 -7.64 7.61 13.08
C ALA A 166 -6.40 7.82 12.22
N LEU A 167 -5.77 6.75 11.76
CA LEU A 167 -4.59 6.90 10.87
C LEU A 167 -4.97 7.63 9.57
N LEU A 168 -6.10 7.27 8.95
CA LEU A 168 -6.56 7.95 7.71
C LEU A 168 -6.79 9.43 7.96
N LYS A 169 -7.45 9.77 9.06
CA LYS A 169 -7.82 11.15 9.41
C LYS A 169 -6.52 11.92 9.70
N GLU A 170 -5.62 11.34 10.47
CA GLU A 170 -4.37 12.05 10.81
C GLU A 170 -3.58 12.36 9.53
N THR A 171 -3.50 11.37 8.67
CA THR A 171 -2.72 11.51 7.42
C THR A 171 -3.36 12.60 6.56
N ARG A 172 -4.67 12.57 6.41
CA ARG A 172 -5.35 13.61 5.61
C ARG A 172 -5.11 14.99 6.22
N ASP A 173 -5.07 15.06 7.53
CA ASP A 173 -5.03 16.36 8.24
C ASP A 173 -3.58 16.89 8.21
N SER A 174 -2.58 16.05 7.91
CA SER A 174 -1.15 16.41 8.01
C SER A 174 -0.48 16.40 6.62
N LEU A 175 -1.26 16.44 5.53
CA LEU A 175 -0.67 16.37 4.16
C LEU A 175 0.31 17.52 3.91
N GLU A 176 0.14 18.68 4.55
CA GLU A 176 1.14 19.77 4.33
C GLU A 176 2.56 19.35 4.73
N ASP A 177 2.70 18.32 5.56
CA ASP A 177 3.99 17.81 6.06
C ASP A 177 4.76 17.00 4.99
N VAL A 178 4.11 16.66 3.87
CA VAL A 178 4.74 15.98 2.73
C VAL A 178 5.45 17.00 1.83
N TYR A 179 6.79 16.99 1.79
CA TYR A 179 7.61 17.91 0.97
C TYR A 179 8.23 17.17 -0.23
N ALA A 180 8.39 15.84 -0.12
CA ALA A 180 9.08 15.07 -1.17
C ALA A 180 8.24 15.03 -2.44
N PRO A 181 8.90 14.92 -3.61
CA PRO A 181 8.22 14.79 -4.89
C PRO A 181 7.21 13.66 -4.79
N THR A 182 6.04 13.94 -5.31
CA THR A 182 4.82 13.14 -5.11
C THR A 182 4.19 12.82 -6.45
N LEU A 183 3.98 11.52 -6.72
CA LEU A 183 3.20 11.08 -7.88
C LEU A 183 1.94 10.44 -7.31
N VAL A 184 0.79 11.08 -7.45
CA VAL A 184 -0.50 10.47 -7.03
C VAL A 184 -1.05 9.62 -8.19
N VAL A 185 -1.27 8.34 -7.91
CA VAL A 185 -1.83 7.41 -8.91
C VAL A 185 -3.26 7.11 -8.48
N GLN A 186 -4.24 7.14 -9.39
CA GLN A 186 -5.61 6.82 -8.97
C GLN A 186 -6.31 6.10 -10.14
N ALA A 187 -6.91 4.96 -9.83
CA ALA A 187 -7.81 4.22 -10.76
C ALA A 187 -9.15 4.96 -10.83
N ARG A 188 -9.69 5.16 -12.04
CA ARG A 188 -10.99 5.84 -12.23
C ARG A 188 -12.12 4.97 -11.69
N ASN A 189 -12.07 3.66 -11.96
CA ASN A 189 -13.21 2.73 -11.70
C ASN A 189 -13.03 2.04 -10.35
N ASP A 190 -12.74 2.83 -9.33
CA ASP A 190 -12.40 2.33 -7.98
C ASP A 190 -13.71 2.31 -7.19
N HIS A 191 -14.12 1.11 -6.79
CA HIS A 191 -15.35 0.89 -5.99
C HIS A 191 -14.98 0.76 -4.52
N MET A 192 -13.70 0.89 -4.17
CA MET A 192 -13.31 0.57 -2.78
C MET A 192 -13.05 1.85 -2.00
N ILE A 193 -12.61 2.94 -2.61
CA ILE A 193 -12.38 4.22 -1.88
C ILE A 193 -13.14 5.35 -2.60
N ASN A 194 -13.21 6.50 -1.91
CA ASN A 194 -13.70 7.78 -2.50
C ASN A 194 -12.55 8.27 -3.41
N THR A 195 -12.71 8.28 -4.73
CA THR A 195 -11.58 8.64 -5.63
C THR A 195 -11.16 10.10 -5.48
N ASP A 196 -11.97 10.94 -4.85
CA ASP A 196 -11.64 12.34 -4.59
C ASP A 196 -10.42 12.37 -3.67
N SER A 197 -10.15 11.26 -2.99
CA SER A 197 -8.91 11.22 -2.17
C SER A 197 -7.71 11.61 -3.04
N ALA A 198 -7.64 11.28 -4.32
CA ALA A 198 -6.48 11.60 -5.18
C ALA A 198 -6.30 13.13 -5.24
N ASN A 199 -7.36 13.87 -5.38
CA ASN A 199 -7.34 15.35 -5.38
C ASN A 199 -7.00 15.87 -3.98
N ILE A 200 -7.60 15.32 -2.92
CA ILE A 200 -7.22 15.71 -1.53
C ILE A 200 -5.70 15.60 -1.37
N ILE A 201 -5.12 14.48 -1.78
CA ILE A 201 -3.66 14.23 -1.58
C ILE A 201 -2.86 15.15 -2.50
N HIS A 202 -3.23 15.22 -3.77
CA HIS A 202 -2.45 16.03 -4.74
C HIS A 202 -2.45 17.50 -4.25
N ASP A 203 -3.62 17.98 -3.89
CA ASP A 203 -3.82 19.40 -3.49
C ASP A 203 -3.18 19.69 -2.12
N GLY A 204 -3.10 18.70 -1.23
CA GLY A 204 -2.78 18.92 0.19
C GLY A 204 -1.29 18.90 0.50
N VAL A 205 -0.49 18.17 -0.28
CA VAL A 205 0.97 18.05 -0.03
C VAL A 205 1.62 19.41 -0.31
N SER A 206 2.72 19.68 0.37
CA SER A 206 3.50 20.92 0.11
C SER A 206 4.44 20.77 -1.06
N ALA A 207 4.76 19.55 -1.51
CA ALA A 207 5.71 19.24 -2.60
C ALA A 207 5.42 20.14 -3.80
N LEU A 208 6.45 20.85 -4.27
CA LEU A 208 6.45 21.63 -5.54
C LEU A 208 6.36 20.69 -6.75
N GLN A 209 7.09 19.57 -6.66
CA GLN A 209 7.17 18.54 -7.73
C GLN A 209 6.08 17.52 -7.45
N LYS A 210 4.97 17.65 -8.14
CA LYS A 210 3.87 16.68 -7.92
C LYS A 210 3.07 16.50 -9.21
N GLU A 211 2.40 15.37 -9.32
CA GLU A 211 1.56 15.08 -10.50
C GLU A 211 0.45 14.12 -10.09
N LEU A 212 -0.71 14.20 -10.74
CA LEU A 212 -1.82 13.26 -10.49
C LEU A 212 -2.12 12.56 -11.82
N ILE A 213 -2.04 11.24 -11.84
CA ILE A 213 -2.39 10.47 -13.07
C ILE A 213 -3.60 9.61 -12.77
N TRP A 214 -4.66 9.80 -13.58
CA TRP A 214 -5.86 8.95 -13.58
C TRP A 214 -5.72 7.80 -14.57
N TYR A 215 -6.11 6.60 -14.14
CA TYR A 215 -6.06 5.37 -14.96
C TYR A 215 -7.48 4.98 -15.30
N GLU A 216 -7.85 5.23 -16.56
CA GLU A 216 -9.26 5.36 -16.98
C GLU A 216 -9.94 3.99 -17.07
N ASN A 217 -9.17 2.90 -17.20
CA ASN A 217 -9.73 1.53 -17.38
C ASN A 217 -9.21 0.62 -16.28
N SER A 218 -9.07 1.15 -15.05
CA SER A 218 -8.61 0.29 -13.93
C SER A 218 -9.49 0.43 -12.70
N GLY A 219 -9.46 -0.62 -11.91
CA GLY A 219 -10.12 -0.70 -10.60
C GLY A 219 -9.12 -0.51 -9.48
N HIS A 220 -9.58 -0.72 -8.25
CA HIS A 220 -8.82 -0.32 -7.05
C HIS A 220 -7.46 -1.01 -7.00
N VAL A 221 -7.43 -2.32 -7.31
CA VAL A 221 -6.14 -3.05 -7.17
C VAL A 221 -5.39 -2.80 -8.47
N ILE A 222 -4.86 -1.60 -8.62
CA ILE A 222 -4.46 -1.09 -9.97
C ILE A 222 -3.24 -1.88 -10.50
N THR A 223 -2.36 -2.36 -9.62
CA THR A 223 -1.14 -3.11 -9.94
C THR A 223 -1.47 -4.44 -10.63
N LEU A 224 -2.68 -4.96 -10.44
CA LEU A 224 -3.05 -6.31 -10.99
C LEU A 224 -3.94 -6.19 -12.23
N ASP A 225 -4.32 -4.98 -12.61
CA ASP A 225 -5.36 -4.67 -13.63
C ASP A 225 -4.70 -4.35 -14.98
N LYS A 226 -5.53 -4.08 -15.99
CA LYS A 226 -5.11 -4.18 -17.40
C LYS A 226 -4.24 -2.99 -17.83
N GLU A 227 -4.14 -1.98 -16.97
CA GLU A 227 -3.33 -0.76 -17.26
C GLU A 227 -2.08 -0.77 -16.38
N LYS A 228 -1.69 -1.96 -15.87
CA LYS A 228 -0.50 -2.09 -15.00
C LYS A 228 0.75 -1.71 -15.79
N GLU A 229 0.82 -2.13 -17.06
CA GLU A 229 1.98 -1.83 -17.93
C GLU A 229 2.21 -0.31 -17.96
N THR A 230 1.15 0.45 -18.25
CA THR A 230 1.25 1.94 -18.31
C THR A 230 1.72 2.46 -16.95
N LEU A 231 1.13 1.96 -15.86
CA LEU A 231 1.50 2.38 -14.49
C LEU A 231 3.01 2.20 -14.30
N HIS A 232 3.53 1.04 -14.68
CA HIS A 232 4.97 0.73 -14.53
C HIS A 232 5.78 1.81 -15.27
N GLN A 233 5.42 2.13 -16.51
CA GLN A 233 6.21 3.13 -17.27
C GLN A 233 6.10 4.51 -16.62
N ASP A 234 4.90 4.88 -16.18
CA ASP A 234 4.63 6.19 -15.53
C ASP A 234 5.49 6.31 -14.26
N ILE A 235 5.48 5.30 -13.41
CA ILE A 235 6.35 5.28 -12.21
C ILE A 235 7.85 5.37 -12.58
N HIS A 236 8.24 4.59 -13.57
CA HIS A 236 9.63 4.54 -14.08
C HIS A 236 10.07 5.95 -14.50
N GLU A 237 9.29 6.61 -15.34
CA GLU A 237 9.66 7.96 -15.82
C GLU A 237 9.75 8.91 -14.63
N PHE A 238 8.77 8.85 -13.73
CA PHE A 238 8.79 9.71 -12.53
C PHE A 238 10.09 9.46 -11.77
N LEU A 239 10.42 8.20 -11.48
CA LEU A 239 11.59 7.87 -10.64
C LEU A 239 12.84 8.40 -11.36
N ASP A 240 12.88 8.29 -12.67
CA ASP A 240 14.14 8.62 -13.43
C ASP A 240 14.40 10.13 -13.34
N GLY A 241 13.35 10.94 -13.18
CA GLY A 241 13.45 12.42 -13.12
C GLY A 241 13.83 12.94 -11.75
N LEU A 242 14.03 12.09 -10.76
CA LEU A 242 14.35 12.52 -9.37
C LEU A 242 15.84 12.83 -9.28
N ASN A 243 16.18 13.53 -8.22
CA ASN A 243 17.55 13.98 -7.95
C ASN A 243 18.34 12.88 -7.22
N TRP A 244 18.56 11.75 -7.88
CA TRP A 244 19.36 10.65 -7.28
C TRP A 244 20.83 11.04 -7.31
N SER A 245 21.60 10.57 -6.34
CA SER A 245 23.05 10.91 -6.36
C SER A 245 23.69 10.32 -7.62
N HIS A 246 23.32 9.11 -8.03
CA HIS A 246 23.80 8.57 -9.31
C HIS A 246 22.81 7.54 -9.83
#